data_7JJU
#
_entry.id   7JJU
#
_cell.length_a   72.190
_cell.length_b   72.190
_cell.length_c   137.140
_cell.angle_alpha   90.000
_cell.angle_beta   90.000
_cell.angle_gamma   90.000
#
_symmetry.space_group_name_H-M   'P 43 21 2'
#
loop_
_entity.id
_entity.type
_entity.pdbx_description
1 polymer 'Potato leafroll virus xrRNA'
2 non-polymer Guanidinium
3 non-polymer 'CACODYLATE ION'
4 non-polymer 'IRIDIUM HEXAMMINE ION'
#
_entity_poly.entity_id   1
_entity_poly.type   'polyribonucleotide'
_entity_poly.pdbx_seq_one_letter_code
;(GTP)GAACUAGCUCAGCAUACACGAGUUGCAAGCAUGGGAAGUUCAAGCCUCG(U23)
;
_entity_poly.pdbx_strand_id   A,B
#
loop_
_chem_comp.id
_chem_comp.type
_chem_comp.name
_chem_comp.formula
A RNA linking ADENOSINE-5'-MONOPHOSPHATE 'C10 H14 N5 O7 P'
C RNA linking CYTIDINE-5'-MONOPHOSPHATE 'C9 H14 N3 O8 P'
CAC non-polymer 'CACODYLATE ION' 'C2 H6 As O2 -1'
G RNA linking GUANOSINE-5'-MONOPHOSPHATE 'C10 H14 N5 O8 P'
GTP non-polymer GUANOSINE-5'-TRIPHOSPHATE 'C10 H16 N5 O14 P3'
GZ6 non-polymer Guanidinium 'C H6 N3 1'
IRI non-polymer 'IRIDIUM HEXAMMINE ION' 'H18 Ir N6 3'
U RNA linking URIDINE-5'-MONOPHOSPHATE 'C9 H13 N2 O9 P'
U23 RNA linking 'URIDINE-5'-MONOPHOSPHATE-2',3'-CYCLIC PHOSPHATE' 'C9 H12 N2 O11 P2'
#
# COMPACT_ATOMS: atom_id res chain seq x y z
PG GTP A 1 11.67 -21.43 -6.36
O1G GTP A 1 11.21 -22.50 -7.31
O2G GTP A 1 10.56 -21.10 -5.39
O3G GTP A 1 12.04 -20.19 -7.14
O3B GTP A 1 12.95 -21.98 -5.55
PB GTP A 1 14.45 -21.71 -6.07
O1B GTP A 1 15.45 -22.45 -5.21
O2B GTP A 1 14.59 -22.10 -7.53
O3A GTP A 1 14.62 -20.11 -5.89
PA GTP A 1 14.52 -19.42 -4.44
O1A GTP A 1 13.21 -18.69 -4.31
O2A GTP A 1 14.67 -20.45 -3.35
O5' GTP A 1 15.73 -18.37 -4.41
C5' GTP A 1 16.56 -18.17 -5.53
C4' GTP A 1 16.42 -16.77 -6.10
O4' GTP A 1 15.53 -16.80 -7.21
C3' GTP A 1 15.81 -15.75 -5.15
O3' GTP A 1 16.76 -15.12 -4.32
C2' GTP A 1 15.16 -14.76 -6.10
O2' GTP A 1 16.09 -13.78 -6.47
C1' GTP A 1 14.81 -15.60 -7.31
N9 GTP A 1 13.36 -15.89 -7.20
C8 GTP A 1 12.82 -17.11 -6.86
N7 GTP A 1 11.48 -16.99 -6.84
C5 GTP A 1 11.16 -15.72 -7.17
C6 GTP A 1 9.93 -15.07 -7.30
O6 GTP A 1 8.89 -15.71 -7.10
N1 GTP A 1 9.89 -13.75 -7.66
C2 GTP A 1 11.07 -13.07 -7.88
N2 GTP A 1 11.03 -11.77 -8.22
N3 GTP A 1 12.28 -13.71 -7.75
C4 GTP A 1 12.32 -15.02 -7.39
N1 U23 A 51 12.61 12.78 -35.19
C2 U23 A 51 11.28 13.05 -35.16
O2 U23 A 51 10.68 13.25 -36.20
N3 U23 A 51 10.62 13.09 -33.97
C4 U23 A 51 11.32 12.86 -32.81
O4 U23 A 51 10.75 12.89 -31.73
C5 U23 A 51 12.71 12.59 -32.85
C6 U23 A 51 13.32 12.55 -34.05
C1' U23 A 51 13.30 12.74 -36.51
C2' U23 A 51 13.60 14.17 -36.98
C3' U23 A 51 15.05 14.14 -37.45
O3' U23 A 51 15.06 14.62 -38.77
C4' U23 A 51 15.41 12.67 -37.40
O4' U23 A 51 14.55 12.09 -36.38
C5' U23 A 51 16.86 12.49 -37.03
O5' U23 A 51 16.99 12.61 -35.61
O2' U23 A 51 12.82 14.52 -38.11
OP1 U23 A 51 19.48 12.26 -35.52
OP2 U23 A 51 18.20 12.11 -33.47
OP5 U23 A 51 13.33 14.85 -40.40
OP4 U23 A 51 13.71 16.59 -38.79
P U23 A 51 18.21 11.87 -34.91
P2 U23 A 51 13.72 15.14 -39.02
PG GTP B 1 -23.90 9.80 2.70
O1G GTP B 1 -24.22 10.42 1.37
O2G GTP B 1 -25.17 9.31 3.35
O3G GTP B 1 -23.24 10.83 3.59
O3B GTP B 1 -22.90 8.55 2.46
PB GTP B 1 -21.54 8.71 1.61
O1B GTP B 1 -21.01 7.34 1.27
O2B GTP B 1 -21.77 9.51 0.35
O3A GTP B 1 -20.50 9.45 2.58
PA GTP B 1 -19.95 10.92 2.22
O1A GTP B 1 -19.27 10.85 0.87
O2A GTP B 1 -21.06 11.93 2.20
O5' GTP B 1 -18.89 11.25 3.38
C5' GTP B 1 -18.31 12.53 3.54
C4' GTP B 1 -17.38 12.88 2.38
O4' GTP B 1 -18.18 13.36 1.32
C3' GTP B 1 -16.39 13.97 2.73
O3' GTP B 1 -15.07 13.47 2.66
C2' GTP B 1 -16.60 15.06 1.71
O2' GTP B 1 -15.45 15.22 0.90
C1' GTP B 1 -17.78 14.63 0.86
N9 GTP B 1 -18.94 15.54 1.05
C8 GTP B 1 -20.24 15.11 1.13
N7 GTP B 1 -21.04 16.18 1.30
C5 GTP B 1 -20.27 17.29 1.31
C6 GTP B 1 -20.60 18.63 1.45
O6 GTP B 1 -21.77 18.97 1.58
N1 GTP B 1 -19.60 19.58 1.42
C2 GTP B 1 -18.29 19.19 1.25
N2 GTP B 1 -17.32 20.10 1.22
N3 GTP B 1 -17.97 17.84 1.12
C4 GTP B 1 -18.96 16.91 1.15
N1 U23 B 51 4.34 1.97 39.34
C2 U23 B 51 4.62 0.68 39.03
O2 U23 B 51 4.58 -0.18 39.90
N3 U23 B 51 4.94 0.33 37.75
C4 U23 B 51 4.97 1.31 36.80
O4 U23 B 51 5.26 1.02 35.64
C5 U23 B 51 4.68 2.66 37.12
C6 U23 B 51 4.37 2.96 38.39
C1' U23 B 51 4.00 2.32 40.74
C2' U23 B 51 5.28 2.48 41.58
C3' U23 B 51 5.07 3.77 42.35
O3' U23 B 51 5.23 3.45 43.73
C4' U23 B 51 3.64 4.17 42.06
O4' U23 B 51 3.32 3.57 40.78
C5' U23 B 51 3.52 5.67 41.97
O5' U23 B 51 4.03 6.08 40.70
O2' U23 B 51 5.40 1.44 42.53
OP1 U23 B 51 3.68 8.56 40.96
OP2 U23 B 51 4.06 7.67 38.75
OP5 U23 B 51 7.18 2.09 43.95
OP4 U23 B 51 5.11 1.36 44.86
P U23 B 51 3.47 7.42 40.07
P2 U23 B 51 5.73 2.08 43.76
C GZ6 C . 7.23 -15.89 4.81
N1 GZ6 C . 6.68 -14.65 5.05
N2 GZ6 C . 8.47 -15.97 4.22
N3 GZ6 C . 6.55 -17.02 5.17
C GZ6 D . 5.75 -10.93 15.12
N1 GZ6 D . 4.61 -10.20 15.34
N2 GZ6 D . 6.83 -10.33 14.52
N3 GZ6 D . 5.82 -12.24 15.50
C GZ6 E . 5.36 -8.96 18.26
N1 GZ6 E . 4.00 -8.83 18.38
N2 GZ6 E . 6.11 -7.88 17.86
N3 GZ6 E . 5.96 -10.15 18.56
C GZ6 F . 6.54 -9.79 11.30
N1 GZ6 F . 6.09 -8.50 11.31
N2 GZ6 F . 5.65 -10.82 11.40
N3 GZ6 F . 7.88 -10.07 11.19
AS CAC G . -5.13 -5.40 31.52
O1 CAC G . -6.67 -4.60 31.49
O2 CAC G . -3.96 -4.37 32.28
C1 CAC G . -5.28 -7.08 32.53
C2 CAC G . -4.56 -5.79 29.67
AS CAC H . 5.59 -20.42 0.62
O1 CAC H . 3.97 -21.00 0.41
O2 CAC H . 6.23 -21.03 2.12
C1 CAC H . 6.71 -21.04 -0.87
C2 CAC H . 5.58 -18.46 0.67
IR IRI I . 7.10 -15.25 28.19
N1 IRI I . 7.63 -16.38 29.86
N2 IRI I . 6.72 -17.01 27.11
N3 IRI I . 6.55 -14.11 26.50
N4 IRI I . 7.46 -13.49 29.26
N5 IRI I . 5.10 -15.22 28.85
N6 IRI I . 9.08 -15.27 27.53
IR IRI J . -0.76 -4.94 -12.16
N1 IRI J . -0.58 -6.84 -13.03
N2 IRI J . -1.57 -4.21 -13.97
N3 IRI J . -0.95 -3.03 -11.31
N4 IRI J . 0.05 -5.67 -10.37
N5 IRI J . -2.69 -5.43 -11.50
N6 IRI J . 1.17 -4.44 -12.83
IR IRI K . 3.56 -2.32 13.70
N1 IRI K . 4.22 -3.95 14.85
N2 IRI K . 1.99 -3.51 12.95
N3 IRI K . 2.90 -0.70 12.55
N4 IRI K . 5.12 -1.14 14.47
N5 IRI K . 2.33 -1.70 15.28
N6 IRI K . 4.80 -2.95 12.13
IR IRI L . 9.04 -18.13 -3.04
N1 IRI L . 8.55 -20.10 -3.62
N2 IRI L . 8.47 -17.45 -4.95
N3 IRI L . 9.52 -16.17 -2.47
N4 IRI L . 9.61 -18.82 -1.14
N5 IRI L . 7.08 -17.85 -2.35
N6 IRI L . 11.00 -18.42 -3.73
IR IRI M . -13.50 -7.14 26.71
N1 IRI M . -11.89 -7.92 27.81
N2 IRI M . -12.75 -8.04 24.97
N3 IRI M . -15.12 -6.37 25.61
N4 IRI M . -14.26 -6.26 28.46
N5 IRI M . -14.61 -8.88 27.12
N6 IRI M . -12.39 -5.40 26.31
C GZ6 N . -2.85 9.13 -17.69
N1 GZ6 N . -3.93 9.88 -18.08
N2 GZ6 N . -2.68 7.88 -18.21
N3 GZ6 N . -1.96 9.64 -16.80
C GZ6 O . -5.26 8.81 -15.09
N1 GZ6 O . -6.60 8.84 -15.40
N2 GZ6 O . -4.52 7.70 -15.42
N3 GZ6 O . -4.69 9.86 -14.45
C GZ6 P . -5.20 8.79 -10.86
N1 GZ6 P . -5.51 10.02 -10.34
N2 GZ6 P . -6.14 8.10 -11.58
N3 GZ6 P . -3.96 8.23 -10.67
C GZ6 Q . -12.56 7.90 -6.05
N1 GZ6 Q . -12.92 8.98 -5.28
N2 GZ6 Q . -13.46 7.37 -6.93
N3 GZ6 Q . -11.31 7.34 -5.94
AS CAC R . -17.80 5.25 -4.20
O1 CAC R . -18.56 6.73 -3.68
O2 CAC R . -17.68 4.15 -2.86
C1 CAC R . -18.89 4.43 -5.61
C2 CAC R . -16.00 5.64 -4.88
AS CAC S . -7.46 -5.73 10.33
O1 CAC S . -9.07 -5.80 10.98
O2 CAC S . -7.04 -4.08 10.00
C1 CAC S . -6.20 -6.47 11.64
C2 CAC S . -7.37 -6.78 8.68
AS CAC T . -7.04 12.68 -1.87
O1 CAC T . -5.53 13.08 -1.10
O2 CAC T . -6.82 12.64 -3.59
C1 CAC T . -7.63 10.90 -1.27
C2 CAC T . -8.40 14.02 -1.40
AS CAC U . 3.95 2.03 -32.33
O1 CAC U . 5.01 1.30 -31.16
O2 CAC U . 2.39 2.28 -31.61
C1 CAC U . 4.69 3.77 -32.89
C2 CAC U . 3.79 0.86 -33.89
IR IRI V . -16.92 6.47 0.11
N1 IRI V . -17.09 5.58 2.00
N2 IRI V . -16.60 4.58 -0.75
N3 IRI V . -16.75 7.35 -1.78
N4 IRI V . -17.25 8.36 0.97
N5 IRI V . -18.99 6.24 -0.18
N6 IRI V . -14.85 6.70 0.40
IR IRI W . -6.73 13.11 -28.10
N1 IRI W . -6.75 11.45 -29.38
N2 IRI W . -7.64 14.27 -29.60
N3 IRI W . -6.73 14.78 -26.81
N4 IRI W . -5.84 11.96 -26.60
N5 IRI W . -8.63 12.57 -27.37
N6 IRI W . -4.85 13.67 -28.82
IR IRI X . 2.73 7.94 19.86
N1 IRI X . 3.12 5.89 19.62
N2 IRI X . 1.09 7.77 18.55
N3 IRI X . 2.34 9.99 20.09
N4 IRI X . 4.36 8.10 21.17
N5 IRI X . 1.47 7.51 21.48
N6 IRI X . 3.98 8.36 18.24
IR IRI Y . 2.79 5.86 -12.36
N1 IRI Y . 3.69 4.36 -11.18
N2 IRI Y . 1.09 4.66 -12.59
N3 IRI Y . 1.89 7.36 -13.52
N4 IRI Y . 4.50 7.06 -12.12
N5 IRI Y . 1.96 6.71 -10.63
N6 IRI Y . 3.63 5.00 -14.08
IR IRI Z . 1.25 -7.18 -29.89
N1 IRI Z . 0.49 -9.13 -29.65
N2 IRI Z . -0.31 -6.74 -31.24
N3 IRI Z . 2.00 -5.24 -30.15
N4 IRI Z . 2.80 -7.62 -28.55
N5 IRI Z . 0.05 -6.52 -28.30
N6 IRI Z . 2.44 -7.85 -31.49
#